data_4NOY
#
_entry.id   4NOY
#
_cell.length_a   63.957
_cell.length_b   66.967
_cell.length_c   106.514
_cell.angle_alpha   90.000
_cell.angle_beta   90.000
_cell.angle_gamma   90.000
#
_symmetry.space_group_name_H-M   'P 21 2 21'
#
loop_
_entity.id
_entity.type
_entity.pdbx_description
1 polymer 'Protein Hfq'
2 non-polymer S-1,2-PROPANEDIOL
3 water water
#
_entity_poly.entity_id   1
_entity_poly.type   'polypeptide(L)'
_entity_poly.pdbx_seq_one_letter_code
;MKQGGQGLQDYYLNQLRKEKILATVFLTNGFQLRGRVVSFDNWTVLLDVEGKQQLVFKHAISTFSPQKNVALNPDAE
;
_entity_poly.pdbx_strand_id   D,A,B,C,E,F
#
# COMPACT_ATOMS: atom_id res chain seq x y z
N GLN A 3 -15.14 23.05 -26.25
CA GLN A 3 -14.27 23.94 -25.54
C GLN A 3 -13.25 23.12 -24.78
N GLY A 4 -13.12 21.88 -25.22
CA GLY A 4 -12.02 21.06 -24.79
C GLY A 4 -12.56 19.68 -24.58
N GLY A 5 -11.75 18.84 -23.96
CA GLY A 5 -12.16 17.51 -23.60
C GLY A 5 -12.23 17.36 -22.10
N GLN A 6 -13.01 18.22 -21.45
CA GLN A 6 -12.82 18.51 -20.04
C GLN A 6 -14.16 18.88 -19.45
N GLY A 7 -15.20 18.43 -20.12
CA GLY A 7 -16.58 18.67 -19.76
C GLY A 7 -17.04 18.08 -18.46
N LEU A 8 -16.56 16.89 -18.12
CA LEU A 8 -16.89 16.25 -16.87
C LEU A 8 -16.33 17.06 -15.71
N GLN A 9 -15.07 17.45 -15.80
CA GLN A 9 -14.43 18.20 -14.75
C GLN A 9 -15.01 19.58 -14.55
N ASP A 10 -15.29 20.26 -15.66
CA ASP A 10 -15.79 21.61 -15.60
C ASP A 10 -17.20 21.66 -15.08
N TYR A 11 -18.01 20.70 -15.50
CA TYR A 11 -19.38 20.59 -15.02
C TYR A 11 -19.43 20.29 -13.53
N TYR A 12 -18.63 19.33 -13.09
CA TYR A 12 -18.66 18.88 -11.72
C TYR A 12 -18.22 19.94 -10.72
N LEU A 13 -17.11 20.62 -10.99
CA LEU A 13 -16.64 21.71 -10.15
C LEU A 13 -17.59 22.89 -10.17
N ASN A 14 -18.25 23.08 -11.29
CA ASN A 14 -19.27 24.10 -11.42
C ASN A 14 -20.54 23.80 -10.60
N GLN A 15 -20.94 22.54 -10.53
CA GLN A 15 -22.03 22.15 -9.66
C GLN A 15 -21.71 22.24 -8.19
N LEU A 16 -20.49 21.90 -7.83
CA LEU A 16 -20.02 21.99 -6.46
C LEU A 16 -20.05 23.42 -5.95
N ARG A 17 -19.67 24.34 -6.83
CA ARG A 17 -19.67 25.76 -6.58
C ARG A 17 -21.07 26.39 -6.45
N LYS A 18 -21.94 26.05 -7.38
CA LYS A 18 -23.31 26.53 -7.47
C LYS A 18 -24.20 26.01 -6.36
N GLU A 19 -23.97 24.76 -5.98
CA GLU A 19 -24.75 24.12 -4.93
C GLU A 19 -24.14 24.35 -3.57
N LYS A 20 -22.93 24.89 -3.54
CA LYS A 20 -22.25 25.21 -2.30
C LYS A 20 -22.00 23.97 -1.48
N ILE A 21 -21.73 22.87 -2.16
CA ILE A 21 -21.44 21.63 -1.49
C ILE A 21 -20.08 21.72 -0.82
N LEU A 22 -20.05 21.30 0.44
CA LEU A 22 -18.81 21.18 1.18
C LEU A 22 -18.07 19.95 0.71
N ALA A 23 -16.77 20.08 0.53
CA ALA A 23 -16.01 18.96 0.07
C ALA A 23 -14.63 18.86 0.69
N THR A 24 -14.16 17.63 0.83
CA THR A 24 -12.81 17.37 1.25
C THR A 24 -11.94 17.22 0.02
N VAL A 25 -10.86 17.99 -0.03
CA VAL A 25 -9.96 17.94 -1.15
C VAL A 25 -8.65 17.31 -0.71
N PHE A 26 -8.41 16.12 -1.21
CA PHE A 26 -7.24 15.35 -0.87
C PHE A 26 -6.16 15.68 -1.86
N LEU A 27 -5.00 16.06 -1.34
CA LEU A 27 -3.90 16.40 -2.21
C LEU A 27 -3.02 15.20 -2.42
N THR A 28 -2.19 15.28 -3.45
CA THR A 28 -1.24 14.24 -3.80
C THR A 28 -0.19 14.16 -2.68
N ASN A 29 -0.25 15.16 -1.81
CA ASN A 29 0.58 15.34 -0.64
C ASN A 29 0.23 14.35 0.43
N GLY A 30 -1.03 13.97 0.42
CA GLY A 30 -1.62 13.15 1.46
C GLY A 30 -2.25 14.14 2.41
N PHE A 31 -1.97 15.42 2.18
CA PHE A 31 -2.61 16.50 2.93
C PHE A 31 -4.00 16.77 2.39
N GLN A 32 -4.84 17.38 3.20
CA GLN A 32 -6.20 17.65 2.78
C GLN A 32 -6.80 18.96 3.22
N LEU A 33 -7.77 19.41 2.45
CA LEU A 33 -8.47 20.65 2.69
C LEU A 33 -9.96 20.35 2.73
N ARG A 34 -10.69 20.95 3.66
CA ARG A 34 -12.14 20.82 3.70
C ARG A 34 -12.78 22.18 3.51
N GLY A 35 -13.49 22.33 2.40
CA GLY A 35 -13.96 23.63 1.99
C GLY A 35 -14.99 23.64 0.87
N ARG A 36 -15.23 24.84 0.37
CA ARG A 36 -16.11 25.07 -0.76
C ARG A 36 -15.38 25.73 -1.91
N VAL A 37 -15.74 25.35 -3.13
CA VAL A 37 -15.17 25.97 -4.32
C VAL A 37 -15.81 27.31 -4.65
N VAL A 38 -14.95 28.31 -4.77
CA VAL A 38 -15.33 29.66 -5.13
C VAL A 38 -15.16 29.90 -6.62
N SER A 39 -14.07 29.37 -7.17
CA SER A 39 -13.78 29.56 -8.58
C SER A 39 -12.80 28.51 -9.04
N PHE A 40 -12.66 28.35 -10.34
CA PHE A 40 -11.60 27.54 -10.88
C PHE A 40 -11.29 28.00 -12.29
N ASP A 41 -10.08 27.76 -12.76
CA ASP A 41 -9.83 27.75 -14.19
C ASP A 41 -9.28 26.38 -14.53
N ASN A 42 -8.53 26.28 -15.60
CA ASN A 42 -7.99 24.99 -16.02
C ASN A 42 -6.89 24.46 -15.09
N TRP A 43 -6.22 25.34 -14.35
CA TRP A 43 -5.09 24.88 -13.56
C TRP A 43 -5.25 25.02 -12.06
N THR A 44 -6.19 25.84 -11.63
CA THR A 44 -6.33 26.13 -10.22
C THR A 44 -7.77 26.10 -9.80
N VAL A 45 -7.97 25.94 -8.51
CA VAL A 45 -9.27 26.05 -7.88
C VAL A 45 -9.15 27.01 -6.70
N LEU A 46 -10.14 27.86 -6.52
CA LEU A 46 -10.17 28.69 -5.32
C LEU A 46 -11.13 28.10 -4.31
N LEU A 47 -10.62 27.83 -3.13
CA LEU A 47 -11.39 27.18 -2.08
C LEU A 47 -11.71 28.14 -0.95
N ASP A 48 -12.87 27.96 -0.32
CA ASP A 48 -13.19 28.72 0.89
C ASP A 48 -13.08 27.76 2.06
N VAL A 49 -12.13 28.00 2.94
CA VAL A 49 -11.92 27.16 4.11
C VAL A 49 -12.06 27.97 5.39
N GLU A 50 -13.25 27.90 5.99
CA GLU A 50 -13.58 28.62 7.22
C GLU A 50 -13.45 30.11 7.01
N GLY A 51 -13.78 30.56 5.81
CA GLY A 51 -13.75 31.97 5.50
C GLY A 51 -12.44 32.49 4.97
N LYS A 52 -11.47 31.60 4.81
CA LYS A 52 -10.17 31.97 4.31
C LYS A 52 -9.94 31.36 2.93
N GLN A 53 -9.13 32.02 2.11
CA GLN A 53 -8.98 31.65 0.71
C GLN A 53 -7.75 30.80 0.50
N GLN A 54 -7.93 29.74 -0.27
CA GLN A 54 -6.87 28.82 -0.60
C GLN A 54 -6.85 28.61 -2.08
N LEU A 55 -5.74 28.95 -2.72
CA LEU A 55 -5.60 28.71 -4.14
C LEU A 55 -4.80 27.44 -4.37
N VAL A 56 -5.51 26.39 -4.74
CA VAL A 56 -4.91 25.08 -4.95
C VAL A 56 -4.76 24.76 -6.41
N PHE A 57 -3.54 24.38 -6.77
CA PHE A 57 -3.23 23.93 -8.12
C PHE A 57 -3.80 22.56 -8.38
N LYS A 58 -4.42 22.37 -9.55
CA LYS A 58 -5.05 21.09 -9.83
C LYS A 58 -4.12 19.90 -9.94
N HIS A 59 -2.85 20.13 -10.25
CA HIS A 59 -1.88 19.05 -10.35
C HIS A 59 -1.52 18.48 -9.00
N ALA A 60 -1.88 19.22 -7.96
CA ALA A 60 -1.62 18.86 -6.58
C ALA A 60 -2.79 18.14 -5.96
N ILE A 61 -3.90 18.11 -6.68
CA ILE A 61 -5.14 17.53 -6.20
C ILE A 61 -5.28 16.07 -6.59
N SER A 62 -5.74 15.25 -5.66
CA SER A 62 -6.03 13.86 -5.93
C SER A 62 -7.50 13.64 -6.26
N THR A 63 -8.36 13.98 -5.31
CA THR A 63 -9.78 13.68 -5.41
C THR A 63 -10.58 14.77 -4.74
N PHE A 64 -11.79 14.96 -5.25
CA PHE A 64 -12.78 15.78 -4.60
C PHE A 64 -13.77 14.78 -3.97
N SER A 65 -14.09 14.98 -2.71
CA SER A 65 -15.08 14.15 -2.04
C SER A 65 -16.19 15.01 -1.47
N PRO A 66 -17.34 15.03 -2.15
CA PRO A 66 -18.46 15.89 -1.75
C PRO A 66 -19.32 15.31 -0.62
N GLN A 67 -19.88 16.18 0.19
CA GLN A 67 -20.74 15.75 1.28
C GLN A 67 -22.02 15.10 0.79
N LYS A 68 -22.58 15.66 -0.27
CA LYS A 68 -23.75 15.11 -0.92
C LYS A 68 -23.42 14.96 -2.40
N ASN A 69 -24.03 13.98 -3.05
CA ASN A 69 -23.77 13.72 -4.47
C ASN A 69 -24.27 14.82 -5.40
N VAL A 70 -23.57 14.97 -6.52
CA VAL A 70 -23.93 15.90 -7.56
C VAL A 70 -24.80 15.13 -8.54
N ALA A 71 -25.82 15.78 -9.07
CA ALA A 71 -26.77 15.14 -9.97
C ALA A 71 -26.22 14.86 -11.37
N MET B 1 -13.53 6.78 -35.21
CA MET B 1 -13.74 8.08 -34.58
C MET B 1 -13.09 8.14 -33.20
N LYS B 2 -11.84 8.58 -33.15
CA LYS B 2 -11.12 8.70 -31.90
C LYS B 2 -10.00 9.76 -31.88
N GLN B 3 -9.80 10.42 -30.75
CA GLN B 3 -8.59 11.21 -30.53
C GLN B 3 -7.38 10.32 -30.37
N GLY B 4 -6.49 10.40 -31.35
CA GLY B 4 -5.25 9.66 -31.37
C GLY B 4 -4.41 9.52 -30.12
N GLY B 5 -3.94 8.32 -29.88
CA GLY B 5 -3.08 8.06 -28.77
C GLY B 5 -3.77 7.92 -27.43
N GLN B 6 -5.06 7.65 -27.42
CA GLN B 6 -5.74 7.45 -26.16
C GLN B 6 -6.90 6.53 -26.39
N GLY B 7 -6.79 5.75 -27.46
CA GLY B 7 -7.79 4.78 -27.82
C GLY B 7 -7.90 3.67 -26.81
N LEU B 8 -6.77 3.21 -26.29
CA LEU B 8 -6.80 2.18 -25.27
C LEU B 8 -7.42 2.68 -24.00
N GLN B 9 -7.02 3.88 -23.58
CA GLN B 9 -7.49 4.47 -22.35
C GLN B 9 -8.97 4.76 -22.34
N ASP B 10 -9.42 5.33 -23.43
CA ASP B 10 -10.79 5.76 -23.59
C ASP B 10 -11.74 4.60 -23.72
N TYR B 11 -11.33 3.60 -24.47
CA TYR B 11 -12.09 2.37 -24.59
C TYR B 11 -12.20 1.61 -23.28
N TYR B 12 -11.08 1.48 -22.58
CA TYR B 12 -11.03 0.69 -21.36
C TYR B 12 -11.85 1.29 -20.25
N LEU B 13 -11.71 2.59 -20.05
CA LEU B 13 -12.51 3.29 -19.07
C LEU B 13 -13.98 3.32 -19.44
N ASN B 14 -14.27 3.38 -20.74
CA ASN B 14 -15.65 3.30 -21.20
C ASN B 14 -16.24 1.91 -21.04
N GLN B 15 -15.43 0.89 -21.24
CA GLN B 15 -15.86 -0.47 -20.96
C GLN B 15 -16.12 -0.69 -19.49
N LEU B 16 -15.23 -0.13 -18.66
CA LEU B 16 -15.38 -0.15 -17.21
C LEU B 16 -16.62 0.60 -16.80
N ARG B 17 -16.87 1.70 -17.48
CA ARG B 17 -18.05 2.49 -17.25
C ARG B 17 -19.36 1.79 -17.67
N LYS B 18 -19.39 1.26 -18.89
CA LYS B 18 -20.59 0.60 -19.43
C LYS B 18 -20.92 -0.67 -18.70
N GLU B 19 -19.91 -1.42 -18.32
CA GLU B 19 -20.14 -2.68 -17.63
C GLU B 19 -20.25 -2.55 -16.14
N LYS B 20 -19.92 -1.37 -15.63
CA LYS B 20 -20.08 -1.05 -14.23
C LYS B 20 -19.24 -2.03 -13.43
N ILE B 21 -18.10 -2.42 -14.01
CA ILE B 21 -17.19 -3.35 -13.38
C ILE B 21 -16.52 -2.69 -12.18
N LEU B 22 -16.52 -3.41 -11.06
CA LEU B 22 -15.90 -2.92 -9.85
C LEU B 22 -14.39 -2.99 -9.96
N ALA B 23 -13.72 -1.94 -9.52
CA ALA B 23 -12.29 -1.89 -9.63
C ALA B 23 -11.61 -1.23 -8.46
N THR B 24 -10.41 -1.69 -8.14
CA THR B 24 -9.60 -1.00 -7.17
C THR B 24 -8.70 -0.01 -7.88
N VAL B 25 -8.77 1.24 -7.46
CA VAL B 25 -8.02 2.31 -8.06
C VAL B 25 -6.92 2.79 -7.14
N PHE B 26 -5.69 2.50 -7.53
CA PHE B 26 -4.54 2.88 -6.74
C PHE B 26 -4.07 4.24 -7.18
N LEU B 27 -3.90 5.11 -6.20
CA LEU B 27 -3.46 6.46 -6.44
C LEU B 27 -1.96 6.54 -6.33
N THR B 28 -1.38 7.60 -6.86
CA THR B 28 0.06 7.73 -6.81
C THR B 28 0.57 7.97 -5.39
N ASN B 29 -0.27 8.53 -4.53
CA ASN B 29 0.14 8.76 -3.15
C ASN B 29 0.04 7.53 -2.26
N GLY B 30 -0.40 6.42 -2.82
CA GLY B 30 -0.53 5.17 -2.09
C GLY B 30 -1.92 4.88 -1.56
N PHE B 31 -2.82 5.83 -1.73
CA PHE B 31 -4.22 5.65 -1.38
C PHE B 31 -4.96 4.83 -2.41
N GLN B 32 -6.07 4.24 -2.00
CA GLN B 32 -6.82 3.40 -2.92
C GLN B 32 -8.33 3.43 -2.70
N LEU B 33 -9.05 3.23 -3.79
CA LEU B 33 -10.50 3.28 -3.82
C LEU B 33 -11.10 2.03 -4.44
N ARG B 34 -12.21 1.54 -3.92
CA ARG B 34 -12.86 0.43 -4.59
C ARG B 34 -14.25 0.89 -5.03
N GLY B 35 -14.46 0.95 -6.34
CA GLY B 35 -15.65 1.58 -6.89
C GLY B 35 -15.90 1.30 -8.36
N ARG B 36 -16.88 2.00 -8.91
CA ARG B 36 -17.25 1.85 -10.30
C ARG B 36 -17.18 3.17 -11.05
N VAL B 37 -16.84 3.13 -12.33
CA VAL B 37 -16.77 4.33 -13.13
C VAL B 37 -18.13 4.86 -13.55
N VAL B 38 -18.39 6.11 -13.20
CA VAL B 38 -19.60 6.79 -13.58
C VAL B 38 -19.37 7.63 -14.82
N SER B 39 -18.22 8.28 -14.90
CA SER B 39 -17.93 9.13 -16.04
C SER B 39 -16.44 9.39 -16.16
N PHE B 40 -16.00 9.87 -17.30
CA PHE B 40 -14.63 10.38 -17.43
C PHE B 40 -14.53 11.38 -18.55
N ASP B 41 -13.55 12.27 -18.44
CA ASP B 41 -13.05 13.02 -19.57
C ASP B 41 -11.54 12.81 -19.74
N ASN B 42 -10.85 13.77 -20.33
CA ASN B 42 -9.41 13.67 -20.46
C ASN B 42 -8.64 13.80 -19.17
N TRP B 43 -9.21 14.47 -18.19
CA TRP B 43 -8.42 14.77 -17.01
C TRP B 43 -8.92 14.17 -15.71
N THR B 44 -10.17 13.75 -15.66
CA THR B 44 -10.73 13.26 -14.41
C THR B 44 -11.56 12.00 -14.60
N VAL B 45 -11.77 11.28 -13.51
CA VAL B 45 -12.68 10.15 -13.49
C VAL B 45 -13.68 10.36 -12.35
N LEU B 46 -14.95 10.07 -12.61
CA LEU B 46 -15.94 10.10 -11.55
C LEU B 46 -16.26 8.70 -11.05
N LEU B 47 -16.10 8.50 -9.75
CA LEU B 47 -16.28 7.18 -9.19
C LEU B 47 -17.50 7.05 -8.31
N ASP B 48 -18.07 5.86 -8.31
CA ASP B 48 -19.08 5.49 -7.34
C ASP B 48 -18.45 4.56 -6.33
N VAL B 49 -18.34 5.04 -5.10
CA VAL B 49 -17.76 4.26 -4.03
C VAL B 49 -18.75 4.12 -2.90
N GLU B 50 -19.45 3.00 -2.88
CA GLU B 50 -20.43 2.68 -1.85
C GLU B 50 -21.54 3.70 -1.83
N GLY B 51 -21.88 4.21 -3.00
CA GLY B 51 -22.98 5.14 -3.16
C GLY B 51 -22.57 6.58 -3.03
N LYS B 52 -21.29 6.83 -2.81
CA LYS B 52 -20.78 8.18 -2.68
C LYS B 52 -19.89 8.51 -3.85
N GLN B 53 -19.81 9.79 -4.18
CA GLN B 53 -19.13 10.23 -5.39
C GLN B 53 -17.73 10.68 -5.08
N GLN B 54 -16.78 10.27 -5.91
CA GLN B 54 -15.39 10.65 -5.81
C GLN B 54 -14.89 11.11 -7.16
N LEU B 55 -14.44 12.36 -7.23
CA LEU B 55 -13.87 12.88 -8.46
C LEU B 55 -12.37 12.76 -8.43
N VAL B 56 -11.83 11.82 -9.17
CA VAL B 56 -10.40 11.57 -9.15
C VAL B 56 -9.68 12.12 -10.36
N PHE B 57 -8.65 12.91 -10.11
CA PHE B 57 -7.81 13.39 -11.19
C PHE B 57 -6.90 12.28 -11.68
N LYS B 58 -6.84 12.11 -13.00
CA LYS B 58 -6.09 11.04 -13.60
C LYS B 58 -4.60 11.11 -13.35
N HIS B 59 -4.07 12.30 -13.07
CA HIS B 59 -2.66 12.43 -12.78
C HIS B 59 -2.31 11.87 -11.44
N ALA B 60 -3.33 11.67 -10.61
CA ALA B 60 -3.18 11.12 -9.27
C ALA B 60 -3.44 9.62 -9.30
N ILE B 61 -3.89 9.12 -10.44
CA ILE B 61 -4.21 7.71 -10.57
C ILE B 61 -2.99 6.98 -11.10
N SER B 62 -2.74 5.84 -10.47
CA SER B 62 -1.68 4.91 -10.86
C SER B 62 -2.21 3.77 -11.70
N THR B 63 -3.20 3.07 -11.15
CA THR B 63 -3.61 1.81 -11.73
C THR B 63 -5.10 1.62 -11.57
N PHE B 64 -5.68 0.98 -12.56
CA PHE B 64 -7.02 0.46 -12.45
C PHE B 64 -6.83 -1.04 -12.31
N SER B 65 -7.44 -1.64 -11.30
CA SER B 65 -7.40 -3.07 -11.14
C SER B 65 -8.81 -3.62 -11.11
N PRO B 66 -9.25 -4.19 -12.22
CA PRO B 66 -10.62 -4.70 -12.31
C PRO B 66 -10.90 -6.10 -11.76
N GLN B 67 -12.12 -6.23 -11.25
CA GLN B 67 -12.70 -7.46 -10.73
C GLN B 67 -12.91 -8.50 -11.79
N LYS B 68 -13.29 -8.04 -12.96
CA LYS B 68 -13.46 -8.86 -14.13
C LYS B 68 -12.64 -8.25 -15.24
N ASN B 69 -12.05 -9.07 -16.10
CA ASN B 69 -11.29 -8.54 -17.22
C ASN B 69 -12.18 -7.87 -18.25
N VAL B 70 -11.62 -6.89 -18.95
CA VAL B 70 -12.31 -6.19 -19.99
C VAL B 70 -12.04 -6.83 -21.33
N ALA B 71 -13.07 -6.95 -22.17
CA ALA B 71 -12.87 -7.53 -23.48
C ALA B 71 -12.20 -6.55 -24.43
N LEU B 72 -11.09 -6.96 -25.03
CA LEU B 72 -10.40 -6.13 -25.99
C LEU B 72 -10.73 -6.48 -27.43
N ASN B 73 -9.84 -6.08 -28.33
CA ASN B 73 -10.07 -6.29 -29.74
C ASN B 73 -8.93 -6.98 -30.50
N LYS C 2 5.62 6.49 -36.80
CA LYS C 2 4.80 7.67 -37.03
C LYS C 2 4.93 8.41 -35.73
N GLN C 3 4.59 9.70 -35.70
CA GLN C 3 4.56 10.56 -34.49
C GLN C 3 5.65 11.14 -33.60
N GLY C 4 6.66 11.73 -34.11
CA GLY C 4 8.02 11.86 -33.68
C GLY C 4 8.35 12.18 -32.24
N GLY C 5 9.40 11.56 -31.73
CA GLY C 5 9.84 11.87 -30.38
C GLY C 5 9.36 10.75 -29.48
N GLN C 6 8.75 9.73 -30.02
CA GLN C 6 8.43 8.55 -29.24
C GLN C 6 8.70 7.25 -29.95
N GLY C 7 9.68 7.30 -30.83
CA GLY C 7 10.12 6.17 -31.59
C GLY C 7 10.74 5.09 -30.73
N LEU C 8 11.54 5.48 -29.75
CA LEU C 8 12.11 4.52 -28.82
C LEU C 8 11.03 3.90 -27.95
N GLN C 9 10.17 4.74 -27.42
CA GLN C 9 9.13 4.32 -26.49
C GLN C 9 8.09 3.39 -27.09
N ASP C 10 7.65 3.71 -28.28
CA ASP C 10 6.62 2.94 -28.96
C ASP C 10 7.14 1.64 -29.49
N TYR C 11 8.36 1.67 -30.02
CA TYR C 11 9.02 0.48 -30.49
C TYR C 11 9.28 -0.50 -29.35
N TYR C 12 9.83 0.02 -28.24
CA TYR C 12 10.23 -0.81 -27.12
C TYR C 12 9.06 -1.49 -26.44
N LEU C 13 8.00 -0.74 -26.18
CA LEU C 13 6.79 -1.32 -25.62
C LEU C 13 6.09 -2.28 -26.58
N ASN C 14 6.16 -2.01 -27.87
CA ASN C 14 5.62 -2.91 -28.87
C ASN C 14 6.41 -4.22 -28.97
N GLN C 15 7.73 -4.14 -28.81
CA GLN C 15 8.55 -5.33 -28.72
C GLN C 15 8.26 -6.18 -27.51
N LEU C 16 8.06 -5.53 -26.36
CA LEU C 16 7.74 -6.24 -25.13
C LEU C 16 6.42 -7.00 -25.24
N ARG C 17 5.44 -6.34 -25.84
CA ARG C 17 4.14 -6.92 -26.10
C ARG C 17 4.11 -8.09 -27.09
N LYS C 18 4.75 -7.91 -28.24
CA LYS C 18 4.84 -8.93 -29.28
C LYS C 18 5.66 -10.13 -28.90
N GLU C 19 6.74 -9.87 -28.17
CA GLU C 19 7.64 -10.90 -27.74
C GLU C 19 7.24 -11.56 -26.44
N LYS C 20 6.23 -10.98 -25.81
CA LYS C 20 5.66 -11.52 -24.59
C LYS C 20 6.66 -11.63 -23.47
N ILE C 21 7.61 -10.72 -23.48
CA ILE C 21 8.65 -10.65 -22.48
C ILE C 21 8.11 -10.17 -21.15
N LEU C 22 8.47 -10.90 -20.11
CA LEU C 22 8.07 -10.57 -18.76
C LEU C 22 8.91 -9.40 -18.24
N ALA C 23 8.27 -8.46 -17.54
CA ALA C 23 8.99 -7.29 -17.05
C ALA C 23 8.51 -6.81 -15.69
N THR C 24 9.42 -6.25 -14.91
CA THR C 24 9.02 -5.57 -13.69
C THR C 24 8.76 -4.12 -14.00
N VAL C 25 7.58 -3.64 -13.65
CA VAL C 25 7.24 -2.26 -13.93
C VAL C 25 7.24 -1.49 -12.65
N PHE C 26 8.23 -0.62 -12.51
CA PHE C 26 8.37 0.15 -11.31
C PHE C 26 7.56 1.41 -11.44
N LEU C 27 6.74 1.65 -10.44
CA LEU C 27 5.92 2.81 -10.43
C LEU C 27 6.66 3.88 -9.66
N THR C 28 6.32 5.14 -9.92
CA THR C 28 6.97 6.22 -9.21
C THR C 28 6.55 6.29 -7.74
N ASN C 29 5.46 5.65 -7.35
CA ASN C 29 5.09 5.61 -5.95
C ASN C 29 5.84 4.54 -5.13
N GLY C 30 6.70 3.77 -5.78
CA GLY C 30 7.45 2.73 -5.12
C GLY C 30 6.87 1.33 -5.18
N PHE C 31 5.66 1.25 -5.69
CA PHE C 31 5.02 -0.02 -5.96
C PHE C 31 5.53 -0.65 -7.25
N GLN C 32 5.37 -1.96 -7.37
CA GLN C 32 5.82 -2.63 -8.58
C GLN C 32 4.95 -3.80 -9.02
N LEU C 33 4.91 -4.01 -10.32
CA LEU C 33 4.15 -5.08 -10.94
C LEU C 33 5.02 -5.90 -11.83
N ARG C 34 4.75 -7.19 -11.86
CA ARG C 34 5.44 -8.08 -12.76
C ARG C 34 4.47 -8.66 -13.75
N GLY C 35 4.65 -8.35 -15.03
CA GLY C 35 3.66 -8.67 -16.02
C GLY C 35 4.11 -8.60 -17.46
N ARG C 36 3.15 -8.75 -18.34
CA ARG C 36 3.40 -8.70 -19.77
C ARG C 36 2.55 -7.60 -20.37
N VAL C 37 3.08 -6.95 -21.39
CA VAL C 37 2.34 -5.89 -22.05
C VAL C 37 1.28 -6.44 -22.96
N VAL C 38 0.04 -6.01 -22.75
CA VAL C 38 -1.05 -6.41 -23.60
C VAL C 38 -1.29 -5.34 -24.65
N SER C 39 -1.21 -4.09 -24.25
CA SER C 39 -1.47 -3.00 -25.16
C SER C 39 -0.88 -1.73 -24.61
N PHE C 40 -0.80 -0.72 -25.46
CA PHE C 40 -0.51 0.62 -24.98
C PHE C 40 -1.05 1.69 -25.92
N ASP C 41 -1.29 2.87 -25.35
CA ASP C 41 -1.38 4.10 -26.12
C ASP C 41 -0.36 5.09 -25.61
N ASN C 42 -0.61 6.37 -25.84
CA ASN C 42 0.30 7.42 -25.41
C ASN C 42 0.34 7.63 -23.90
N TRP C 43 -0.74 7.28 -23.22
CA TRP C 43 -0.84 7.59 -21.81
C TRP C 43 -0.92 6.37 -20.90
N THR C 44 -1.27 5.22 -21.46
CA THR C 44 -1.51 4.05 -20.64
C THR C 44 -0.89 2.78 -21.18
N VAL C 45 -0.71 1.81 -20.31
CA VAL C 45 -0.30 0.47 -20.69
C VAL C 45 -1.28 -0.50 -20.06
N LEU C 46 -1.68 -1.53 -20.79
CA LEU C 46 -2.48 -2.60 -20.22
C LEU C 46 -1.59 -3.81 -19.89
N LEU C 47 -1.64 -4.21 -18.64
CA LEU C 47 -0.78 -5.28 -18.16
C LEU C 47 -1.54 -6.55 -17.81
N ASP C 48 -0.88 -7.68 -18.01
CA ASP C 48 -1.34 -8.96 -17.51
C ASP C 48 -0.45 -9.38 -16.37
N VAL C 49 -1.02 -9.47 -15.18
CA VAL C 49 -0.31 -9.92 -14.01
C VAL C 49 -0.98 -11.16 -13.44
N GLU C 50 -0.48 -12.33 -13.80
CA GLU C 50 -1.04 -13.62 -13.34
C GLU C 50 -2.51 -13.78 -13.71
N GLY C 51 -2.85 -13.33 -14.90
CA GLY C 51 -4.15 -13.51 -15.48
C GLY C 51 -5.17 -12.44 -15.23
N LYS C 52 -4.79 -11.42 -14.49
CA LYS C 52 -5.68 -10.30 -14.22
C LYS C 52 -5.12 -9.05 -14.88
N GLN C 53 -6.01 -8.12 -15.19
CA GLN C 53 -5.66 -6.98 -16.02
C GLN C 53 -5.31 -5.77 -15.19
N GLN C 54 -4.25 -5.09 -15.60
CA GLN C 54 -3.85 -3.89 -14.90
C GLN C 54 -3.66 -2.78 -15.90
N LEU C 55 -4.42 -1.71 -15.73
CA LEU C 55 -4.27 -0.53 -16.55
C LEU C 55 -3.43 0.49 -15.83
N VAL C 56 -2.20 0.64 -16.28
CA VAL C 56 -1.26 1.55 -15.66
C VAL C 56 -1.09 2.82 -16.47
N PHE C 57 -1.25 3.94 -15.80
CA PHE C 57 -0.95 5.22 -16.41
C PHE C 57 0.55 5.39 -16.48
N LYS C 58 1.03 5.82 -17.64
CA LYS C 58 2.46 6.02 -17.87
C LYS C 58 3.11 7.11 -17.02
N HIS C 59 2.34 8.07 -16.55
CA HIS C 59 2.85 9.14 -15.70
C HIS C 59 3.20 8.60 -14.34
N ALA C 60 2.69 7.42 -14.07
CA ALA C 60 2.87 6.71 -12.82
C ALA C 60 4.02 5.72 -12.93
N ILE C 61 4.52 5.49 -14.14
CA ILE C 61 5.56 4.51 -14.36
C ILE C 61 6.93 5.14 -14.26
N SER C 62 7.84 4.45 -13.59
CA SER C 62 9.22 4.85 -13.52
C SER C 62 10.07 4.12 -14.53
N THR C 63 10.01 2.80 -14.48
CA THR C 63 10.93 1.97 -15.21
C THR C 63 10.28 0.69 -15.67
N PHE C 64 10.72 0.20 -16.84
CA PHE C 64 10.39 -1.14 -17.28
C PHE C 64 11.66 -1.96 -17.12
N SER C 65 11.57 -3.12 -16.50
CA SER C 65 12.71 -4.01 -16.40
C SER C 65 12.37 -5.38 -16.96
N PRO C 66 12.82 -5.65 -18.19
CA PRO C 66 12.52 -6.90 -18.88
C PRO C 66 13.41 -8.08 -18.49
N GLN C 67 12.87 -9.28 -18.61
CA GLN C 67 13.63 -10.47 -18.31
C GLN C 67 14.75 -10.67 -19.31
N LYS C 68 14.46 -10.38 -20.58
CA LYS C 68 15.48 -10.40 -21.61
C LYS C 68 15.46 -9.12 -22.45
N ASN C 69 16.62 -8.73 -22.97
CA ASN C 69 16.79 -7.50 -23.74
C ASN C 69 16.04 -7.47 -25.06
N VAL C 70 15.68 -6.27 -25.51
CA VAL C 70 15.04 -6.07 -26.80
C VAL C 70 16.11 -5.76 -27.84
N ALA C 71 15.98 -6.33 -29.03
CA ALA C 71 16.91 -6.09 -30.11
C ALA C 71 16.66 -4.71 -30.71
N LEU C 72 17.69 -3.90 -30.79
CA LEU C 72 17.51 -2.57 -31.33
C LEU C 72 17.92 -2.45 -32.79
N LYS D 2 16.34 1.43 -6.93
CA LYS D 2 17.39 0.48 -6.61
C LYS D 2 18.23 1.00 -5.44
N GLN D 3 17.51 1.54 -4.44
CA GLN D 3 17.91 1.68 -3.02
C GLN D 3 17.34 2.83 -2.21
N GLY D 4 18.03 3.96 -2.27
CA GLY D 4 17.91 5.02 -1.28
C GLY D 4 19.20 5.03 -0.48
N GLY D 5 19.86 3.88 -0.42
CA GLY D 5 21.15 3.73 0.22
C GLY D 5 21.25 4.00 1.70
N GLN D 6 20.83 3.03 2.52
CA GLN D 6 20.25 1.77 2.05
C GLN D 6 21.25 1.17 1.04
N GLY D 7 22.46 1.70 0.93
CA GLY D 7 23.38 1.18 -0.06
C GLY D 7 24.27 0.14 0.61
N LEU D 8 24.74 0.45 1.81
CA LEU D 8 25.57 -0.43 2.60
C LEU D 8 24.82 -1.66 3.14
N GLN D 9 23.63 -1.44 3.67
CA GLN D 9 22.81 -2.46 4.32
C GLN D 9 22.36 -3.57 3.36
N ASP D 10 22.01 -3.19 2.16
CA ASP D 10 21.62 -4.14 1.13
C ASP D 10 22.79 -4.94 0.63
N TYR D 11 23.90 -4.25 0.39
CA TYR D 11 25.11 -4.91 -0.06
C TYR D 11 25.66 -5.87 0.99
N TYR D 12 25.71 -5.41 2.23
CA TYR D 12 26.30 -6.19 3.31
C TYR D 12 25.51 -7.44 3.66
N LEU D 13 24.19 -7.29 3.78
CA LEU D 13 23.34 -8.44 4.06
C LEU D 13 23.31 -9.44 2.92
N ASN D 14 23.42 -8.93 1.70
CA ASN D 14 23.52 -9.77 0.50
C ASN D 14 24.84 -10.52 0.40
N GLN D 15 25.91 -9.86 0.78
CA GLN D 15 27.22 -10.49 0.89
C GLN D 15 27.23 -11.58 1.92
N LEU D 16 26.58 -11.34 3.04
CA LEU D 16 26.46 -12.34 4.08
C LEU D 16 25.67 -13.53 3.57
N ARG D 17 24.59 -13.25 2.86
CA ARG D 17 23.76 -14.28 2.26
C ARG D 17 24.39 -15.12 1.16
N LYS D 18 25.03 -14.50 0.17
CA LYS D 18 25.61 -15.25 -0.93
C LYS D 18 26.81 -16.08 -0.52
N GLU D 19 27.61 -15.52 0.38
CA GLU D 19 28.83 -16.16 0.82
C GLU D 19 28.55 -17.12 1.95
N LYS D 20 27.32 -17.08 2.44
CA LYS D 20 26.86 -18.03 3.44
C LYS D 20 27.63 -17.86 4.73
N ILE D 21 28.06 -16.63 4.97
CA ILE D 21 28.80 -16.29 6.16
C ILE D 21 27.94 -16.30 7.43
N LEU D 22 28.47 -16.98 8.45
CA LEU D 22 27.85 -17.04 9.74
C LEU D 22 28.05 -15.74 10.51
N ALA D 23 27.00 -15.28 11.17
CA ALA D 23 27.08 -14.04 11.90
C ALA D 23 26.28 -14.14 13.18
N THR D 24 26.72 -13.43 14.21
CA THR D 24 25.96 -13.30 15.43
C THR D 24 25.05 -12.09 15.33
N VAL D 25 23.77 -12.29 15.60
CA VAL D 25 22.82 -11.20 15.54
C VAL D 25 22.36 -10.78 16.91
N PHE D 26 22.80 -9.61 17.32
CA PHE D 26 22.46 -9.04 18.61
C PHE D 26 21.18 -8.24 18.49
N LEU D 27 20.22 -8.51 19.36
CA LEU D 27 19.01 -7.73 19.36
C LEU D 27 19.15 -6.62 20.38
N THR D 28 18.30 -5.61 20.26
CA THR D 28 18.38 -4.45 21.13
C THR D 28 18.01 -4.82 22.56
N ASN D 29 17.19 -5.85 22.70
CA ASN D 29 16.79 -6.35 24.02
C ASN D 29 17.81 -7.28 24.68
N GLY D 30 18.89 -7.58 23.98
CA GLY D 30 19.91 -8.45 24.51
C GLY D 30 19.89 -9.90 24.12
N PHE D 31 18.88 -10.33 23.39
CA PHE D 31 18.84 -11.69 22.93
C PHE D 31 19.86 -11.85 21.84
N GLN D 32 20.26 -13.08 21.57
CA GLN D 32 21.28 -13.28 20.56
C GLN D 32 20.94 -14.42 19.67
N LEU D 33 21.25 -14.25 18.40
CA LEU D 33 21.02 -15.28 17.42
C LEU D 33 22.30 -15.41 16.64
N ARG D 34 22.69 -16.65 16.37
CA ARG D 34 23.81 -16.94 15.52
C ARG D 34 23.33 -17.76 14.33
N GLY D 35 23.50 -17.21 13.14
CA GLY D 35 22.90 -17.81 11.98
C GLY D 35 23.45 -17.34 10.66
N ARG D 36 22.76 -17.73 9.60
CA ARG D 36 23.09 -17.32 8.25
C ARG D 36 21.90 -16.62 7.61
N VAL D 37 22.18 -15.62 6.79
CA VAL D 37 21.14 -14.89 6.09
C VAL D 37 20.58 -15.63 4.89
N VAL D 38 19.27 -15.81 4.88
CA VAL D 38 18.58 -16.45 3.76
C VAL D 38 17.95 -15.43 2.81
N SER D 39 17.37 -14.38 3.37
CA SER D 39 16.73 -13.31 2.59
C SER D 39 16.59 -12.07 3.43
N PHE D 40 16.30 -10.96 2.76
CA PHE D 40 15.89 -9.75 3.45
C PHE D 40 15.05 -8.85 2.55
N ASP D 41 14.23 -8.03 3.19
CA ASP D 41 13.69 -6.85 2.53
C ASP D 41 14.07 -5.63 3.35
N ASN D 42 13.30 -4.57 3.28
CA ASN D 42 13.64 -3.34 3.99
C ASN D 42 13.53 -3.42 5.52
N TRP D 43 12.67 -4.30 6.01
CA TRP D 43 12.39 -4.37 7.42
C TRP D 43 12.68 -5.68 8.15
N THR D 44 12.91 -6.75 7.42
CA THR D 44 13.14 -8.03 8.06
C THR D 44 14.32 -8.74 7.43
N VAL D 45 14.86 -9.70 8.18
CA VAL D 45 15.87 -10.61 7.70
C VAL D 45 15.40 -12.03 8.02
N LEU D 46 15.61 -12.98 7.11
CA LEU D 46 15.34 -14.37 7.46
C LEU D 46 16.63 -15.09 7.82
N LEU D 47 16.68 -15.64 9.01
CA LEU D 47 17.88 -16.33 9.46
C LEU D 47 17.67 -17.82 9.48
N ASP D 48 18.75 -18.53 9.21
CA ASP D 48 18.76 -19.96 9.33
C ASP D 48 19.54 -20.21 10.61
N VAL D 49 18.88 -20.75 11.61
CA VAL D 49 19.52 -21.06 12.86
C VAL D 49 19.42 -22.54 13.16
N GLU D 50 20.51 -23.21 12.84
CA GLU D 50 20.65 -24.64 13.03
C GLU D 50 19.58 -25.34 12.22
N GLY D 51 19.27 -24.77 11.07
CA GLY D 51 18.28 -25.32 10.16
C GLY D 51 16.88 -24.82 10.38
N LYS D 52 16.71 -23.90 11.32
CA LYS D 52 15.37 -23.42 11.63
C LYS D 52 15.24 -21.96 11.22
N GLN D 53 14.03 -21.53 10.91
CA GLN D 53 13.83 -20.24 10.30
C GLN D 53 13.48 -19.19 11.32
N GLN D 54 14.13 -18.05 11.21
CA GLN D 54 13.86 -16.97 12.11
C GLN D 54 13.60 -15.72 11.33
N LEU D 55 12.42 -15.16 11.49
CA LEU D 55 12.11 -13.90 10.87
C LEU D 55 12.34 -12.81 11.86
N VAL D 56 13.43 -12.08 11.67
CA VAL D 56 13.80 -11.02 12.57
C VAL D 56 13.49 -9.67 11.97
N PHE D 57 12.73 -8.86 12.70
CA PHE D 57 12.52 -7.48 12.32
C PHE D 57 13.76 -6.64 12.57
N LYS D 58 14.15 -5.86 11.59
CA LYS D 58 15.35 -5.02 11.66
C LYS D 58 15.31 -3.91 12.70
N HIS D 59 14.15 -3.47 13.12
CA HIS D 59 14.06 -2.46 14.16
C HIS D 59 14.46 -3.08 15.48
N ALA D 60 14.48 -4.40 15.51
CA ALA D 60 14.82 -5.14 16.68
C ALA D 60 16.29 -5.49 16.69
N ILE D 61 16.97 -5.22 15.59
CA ILE D 61 18.37 -5.57 15.47
C ILE D 61 19.27 -4.42 15.89
N SER D 62 20.29 -4.75 16.67
CA SER D 62 21.31 -3.79 17.02
C SER D 62 22.53 -3.95 16.13
N THR D 63 23.04 -5.17 16.06
CA THR D 63 24.31 -5.40 15.45
C THR D 63 24.32 -6.73 14.74
N PHE D 64 25.04 -6.78 13.63
CA PHE D 64 25.42 -8.00 12.98
C PHE D 64 26.89 -8.14 13.29
N SER D 65 27.29 -9.30 13.78
CA SER D 65 28.70 -9.57 14.00
C SER D 65 29.09 -10.79 13.19
N PRO D 66 29.78 -10.57 12.06
CA PRO D 66 30.16 -11.65 11.15
C PRO D 66 31.43 -12.41 11.55
N GLN D 67 31.45 -13.68 11.23
CA GLN D 67 32.60 -14.52 11.52
C GLN D 67 33.82 -14.15 10.68
N LYS D 68 33.58 -13.81 9.44
CA LYS D 68 34.65 -13.36 8.58
C LYS D 68 34.26 -12.02 7.99
N ASN D 69 35.24 -11.15 7.74
CA ASN D 69 34.96 -9.84 7.20
C ASN D 69 34.45 -9.86 5.79
N VAL D 70 33.64 -8.87 5.47
CA VAL D 70 33.04 -8.75 4.18
C VAL D 70 33.87 -7.83 3.29
N ALA D 71 33.97 -8.20 2.02
CA ALA D 71 34.70 -7.48 1.02
C ALA D 71 33.95 -6.21 0.66
N LEU D 72 34.66 -5.11 0.49
CA LEU D 72 34.05 -3.80 0.33
C LEU D 72 33.71 -3.45 -1.10
N ASN D 73 32.96 -2.36 -1.30
CA ASN D 73 32.49 -1.98 -2.64
C ASN D 73 33.59 -1.18 -3.29
N PRO D 74 33.89 -1.49 -4.56
CA PRO D 74 34.94 -0.81 -5.32
C PRO D 74 34.50 0.45 -6.08
N MET E 1 -10.70 3.55 1.33
CA MET E 1 -10.74 4.91 0.79
C MET E 1 -10.36 5.86 1.91
N LYS E 2 -9.12 5.71 2.38
CA LYS E 2 -8.05 5.31 1.50
C LYS E 2 -6.86 4.47 1.96
N GLN E 3 -6.01 5.06 2.79
CA GLN E 3 -4.73 4.48 3.21
C GLN E 3 -4.90 3.06 3.76
N GLY E 4 -4.36 2.08 3.06
CA GLY E 4 -3.42 2.31 1.99
C GLY E 4 -2.18 1.55 2.41
N GLY E 5 -2.37 0.63 3.33
CA GLY E 5 -1.30 -0.19 3.85
C GLY E 5 -1.59 -0.52 5.29
N GLN E 6 -2.82 -0.28 5.73
CA GLN E 6 -3.12 -0.14 7.16
C GLN E 6 -4.55 -0.49 7.28
N GLY E 7 -5.01 -1.27 6.31
CA GLY E 7 -6.39 -1.70 6.22
C GLY E 7 -6.85 -2.55 7.38
N LEU E 8 -6.01 -3.45 7.86
CA LEU E 8 -6.34 -4.25 9.04
C LEU E 8 -6.43 -3.43 10.32
N GLN E 9 -5.43 -2.61 10.51
CA GLN E 9 -5.30 -1.80 11.71
C GLN E 9 -6.43 -0.78 11.83
N ASP E 10 -6.82 -0.19 10.71
CA ASP E 10 -7.91 0.77 10.71
C ASP E 10 -9.25 0.14 10.93
N TYR E 11 -9.49 -0.98 10.27
CA TYR E 11 -10.72 -1.72 10.45
C TYR E 11 -10.85 -2.24 11.87
N TYR E 12 -9.75 -2.76 12.40
CA TYR E 12 -9.77 -3.36 13.72
C TYR E 12 -10.03 -2.38 14.87
N LEU E 13 -9.34 -1.24 14.86
CA LEU E 13 -9.59 -0.25 15.89
C LEU E 13 -10.97 0.36 15.78
N ASN E 14 -11.43 0.50 14.54
CA ASN E 14 -12.78 0.98 14.24
C ASN E 14 -13.93 0.06 14.61
N GLN E 15 -13.76 -1.25 14.46
CA GLN E 15 -14.77 -2.18 14.95
C GLN E 15 -14.87 -2.10 16.46
N LEU E 16 -13.73 -1.93 17.11
CA LEU E 16 -13.66 -1.79 18.55
C LEU E 16 -14.42 -0.55 19.02
N ARG E 17 -14.24 0.53 18.28
CA ARG E 17 -14.95 1.78 18.52
C ARG E 17 -16.44 1.70 18.26
N LYS E 18 -16.83 1.13 17.13
CA LYS E 18 -18.24 1.08 16.82
C LYS E 18 -19.06 0.17 17.71
N GLU E 19 -18.52 -0.99 18.06
CA GLU E 19 -19.26 -1.94 18.88
C GLU E 19 -19.07 -1.74 20.37
N LYS E 20 -18.19 -0.81 20.72
CA LYS E 20 -17.95 -0.38 22.09
C LYS E 20 -17.45 -1.49 23.02
N ILE E 21 -16.76 -2.47 22.46
CA ILE E 21 -16.21 -3.55 23.25
C ILE E 21 -14.92 -3.15 23.97
N LEU E 22 -14.81 -3.59 25.21
CA LEU E 22 -13.64 -3.38 26.05
C LEU E 22 -12.42 -4.19 25.66
N ALA E 23 -11.26 -3.56 25.73
CA ALA E 23 -10.03 -4.24 25.40
C ALA E 23 -8.94 -3.81 26.35
N THR E 24 -8.01 -4.70 26.64
CA THR E 24 -6.85 -4.34 27.41
C THR E 24 -5.76 -3.93 26.44
N VAL E 25 -5.17 -2.77 26.70
CA VAL E 25 -4.10 -2.25 25.88
C VAL E 25 -2.79 -2.40 26.61
N PHE E 26 -1.99 -3.33 26.12
CA PHE E 26 -0.71 -3.63 26.70
C PHE E 26 0.34 -2.79 26.00
N LEU E 27 1.12 -2.06 26.79
CA LEU E 27 2.19 -1.22 26.28
C LEU E 27 3.52 -1.93 26.33
N THR E 28 4.48 -1.42 25.58
CA THR E 28 5.80 -2.01 25.49
C THR E 28 6.59 -1.94 26.78
N ASN E 29 6.32 -0.92 27.59
CA ASN E 29 6.98 -0.77 28.88
C ASN E 29 6.39 -1.65 29.96
N GLY E 30 5.34 -2.38 29.62
CA GLY E 30 4.68 -3.24 30.56
C GLY E 30 3.47 -2.67 31.25
N PHE E 31 3.19 -1.39 31.00
CA PHE E 31 2.02 -0.77 31.57
C PHE E 31 0.77 -1.22 30.82
N GLN E 32 -0.39 -1.09 31.45
CA GLN E 32 -1.61 -1.63 30.89
C GLN E 32 -2.83 -0.72 31.03
N LEU E 33 -3.68 -0.72 30.02
CA LEU E 33 -4.92 0.04 30.08
C LEU E 33 -6.07 -0.83 29.62
N ARG E 34 -7.20 -0.76 30.31
CA ARG E 34 -8.41 -1.46 29.88
C ARG E 34 -9.51 -0.44 29.65
N GLY E 35 -10.00 -0.38 28.44
CA GLY E 35 -10.85 0.71 28.04
C GLY E 35 -11.52 0.45 26.73
N ARG E 36 -12.16 1.47 26.21
CA ARG E 36 -12.82 1.39 24.93
C ARG E 36 -12.24 2.42 23.99
N VAL E 37 -12.20 2.09 22.70
CA VAL E 37 -11.68 3.03 21.72
C VAL E 37 -12.70 4.10 21.39
N VAL E 38 -12.31 5.35 21.62
CA VAL E 38 -13.12 6.49 21.30
C VAL E 38 -12.73 7.08 19.94
N SER E 39 -11.44 7.10 19.67
CA SER E 39 -10.94 7.63 18.40
C SER E 39 -9.53 7.15 18.15
N PHE E 40 -9.06 7.31 16.93
CA PHE E 40 -7.66 7.11 16.59
C PHE E 40 -7.31 7.85 15.33
N ASP E 41 -6.04 8.17 15.15
CA ASP E 41 -5.50 8.42 13.83
C ASP E 41 -4.34 7.48 13.59
N ASN E 42 -3.40 7.85 12.72
CA ASN E 42 -2.28 6.99 12.40
C ASN E 42 -1.27 6.81 13.52
N TRP E 43 -1.22 7.77 14.43
CA TRP E 43 -0.16 7.76 15.43
C TRP E 43 -0.65 7.61 16.86
N THR E 44 -1.93 7.87 17.06
CA THR E 44 -2.52 7.90 18.38
C THR E 44 -3.88 7.21 18.43
N VAL E 45 -4.25 6.83 19.64
CA VAL E 45 -5.59 6.32 19.93
C VAL E 45 -6.10 7.07 21.16
N LEU E 46 -7.36 7.44 21.18
CA LEU E 46 -7.97 8.00 22.38
C LEU E 46 -8.73 6.91 23.10
N LEU E 47 -8.41 6.72 24.36
CA LEU E 47 -9.00 5.66 25.13
C LEU E 47 -9.96 6.22 26.13
N ASP E 48 -11.02 5.48 26.40
CA ASP E 48 -11.91 5.83 27.48
C ASP E 48 -11.71 4.82 28.59
N VAL E 49 -11.25 5.29 29.74
CA VAL E 49 -11.11 4.40 30.89
C VAL E 49 -11.97 4.93 32.02
N GLU E 50 -13.18 4.40 32.08
CA GLU E 50 -14.17 4.75 33.09
C GLU E 50 -14.50 6.23 33.08
N GLY E 51 -14.61 6.80 31.88
CA GLY E 51 -15.01 8.18 31.72
C GLY E 51 -13.86 9.15 31.72
N LYS E 52 -12.66 8.62 31.80
CA LYS E 52 -11.48 9.45 31.77
C LYS E 52 -10.81 9.21 30.45
N GLN E 53 -10.16 10.23 29.93
CA GLN E 53 -9.61 10.17 28.59
C GLN E 53 -8.13 9.88 28.65
N GLN E 54 -7.71 9.00 27.78
CA GLN E 54 -6.31 8.63 27.70
C GLN E 54 -5.87 8.77 26.26
N LEU E 55 -4.90 9.63 25.99
CA LEU E 55 -4.35 9.71 24.65
C LEU E 55 -3.08 8.90 24.58
N VAL E 56 -3.17 7.74 23.93
CA VAL E 56 -2.08 6.80 23.82
C VAL E 56 -1.43 6.82 22.43
N PHE E 57 -0.12 6.99 22.41
CA PHE E 57 0.67 6.89 21.19
C PHE E 57 0.87 5.43 20.79
N LYS E 58 0.69 5.11 19.52
CA LYS E 58 0.79 3.74 19.03
C LYS E 58 2.17 3.12 19.06
N HIS E 59 3.21 3.92 19.03
CA HIS E 59 4.57 3.40 19.04
C HIS E 59 4.90 2.82 20.41
N ALA E 60 4.06 3.16 21.38
CA ALA E 60 4.17 2.72 22.75
C ALA E 60 3.34 1.48 23.00
N ILE E 61 2.52 1.10 22.04
CA ILE E 61 1.62 -0.04 22.23
C ILE E 61 2.22 -1.35 21.72
N SER E 62 2.04 -2.41 22.49
CA SER E 62 2.44 -3.73 22.04
C SER E 62 1.28 -4.49 21.46
N THR E 63 0.21 -4.60 22.23
CA THR E 63 -0.87 -5.50 21.92
C THR E 63 -2.24 -4.96 22.30
N PHE E 64 -3.24 -5.32 21.50
CA PHE E 64 -4.62 -5.14 21.86
C PHE E 64 -5.20 -6.52 22.18
N SER E 65 -5.84 -6.65 23.34
CA SER E 65 -6.53 -7.87 23.68
C SER E 65 -7.97 -7.52 23.99
N PRO E 66 -8.89 -7.78 23.05
CA PRO E 66 -10.31 -7.50 23.18
C PRO E 66 -11.06 -8.58 23.97
N GLN E 67 -12.10 -8.17 24.67
CA GLN E 67 -12.85 -9.13 25.46
C GLN E 67 -13.57 -10.11 24.57
N LYS E 68 -14.06 -9.63 23.44
CA LYS E 68 -14.69 -10.50 22.46
C LYS E 68 -13.97 -10.32 21.15
N ASN E 69 -13.93 -11.37 20.34
CA ASN E 69 -13.24 -11.31 19.08
C ASN E 69 -13.94 -10.35 18.15
N VAL E 70 -13.18 -9.72 17.26
CA VAL E 70 -13.76 -8.79 16.31
C VAL E 70 -14.09 -9.51 15.01
N ALA E 71 -15.25 -9.18 14.44
CA ALA E 71 -15.73 -9.82 13.22
C ALA E 71 -15.05 -9.39 11.94
N LEU E 72 -14.61 -10.37 11.16
CA LEU E 72 -13.99 -10.11 9.87
C LEU E 72 -14.88 -10.50 8.69
N MET F 1 -1.32 -8.21 -7.86
CA MET F 1 0.07 -8.01 -7.50
C MET F 1 0.47 -6.56 -7.49
N LYS F 2 0.59 -6.01 -6.29
CA LYS F 2 1.05 -4.66 -6.08
C LYS F 2 1.81 -4.74 -4.78
N GLN F 3 2.98 -4.09 -4.72
CA GLN F 3 3.87 -4.25 -3.56
C GLN F 3 4.92 -3.17 -3.51
N GLY F 4 5.56 -2.99 -2.35
CA GLY F 4 6.80 -2.21 -2.27
C GLY F 4 8.14 -2.84 -1.95
N GLY F 5 8.71 -2.44 -0.81
CA GLY F 5 10.01 -2.88 -0.35
C GLY F 5 10.06 -4.04 0.61
N GLN F 6 9.03 -4.89 0.58
CA GLN F 6 8.64 -5.70 1.72
C GLN F 6 8.14 -7.06 1.30
N GLY F 7 8.73 -7.56 0.22
CA GLY F 7 8.39 -8.84 -0.35
C GLY F 7 8.64 -10.06 0.51
N LEU F 8 9.73 -10.10 1.26
CA LEU F 8 9.99 -11.20 2.21
C LEU F 8 8.99 -11.27 3.34
N GLN F 9 8.75 -10.12 3.95
CA GLN F 9 7.90 -9.97 5.11
C GLN F 9 6.45 -10.31 4.82
N ASP F 10 5.99 -9.89 3.66
CA ASP F 10 4.64 -10.15 3.23
C ASP F 10 4.39 -11.57 2.81
N TYR F 11 5.34 -12.14 2.07
CA TYR F 11 5.24 -13.53 1.64
C TYR F 11 5.25 -14.45 2.85
N TYR F 12 6.13 -14.16 3.80
CA TYR F 12 6.30 -14.99 4.98
C TYR F 12 5.11 -15.01 5.91
N LEU F 13 4.56 -13.84 6.21
CA LEU F 13 3.37 -13.77 7.04
C LEU F 13 2.15 -14.35 6.34
N ASN F 14 2.10 -14.21 5.02
CA ASN F 14 1.03 -14.80 4.24
C ASN F 14 1.12 -16.33 4.18
N GLN F 15 2.34 -16.85 4.09
CA GLN F 15 2.58 -18.28 4.21
C GLN F 15 2.25 -18.83 5.58
N LEU F 16 2.60 -18.08 6.62
CA LEU F 16 2.27 -18.47 7.97
C LEU F 16 0.77 -18.52 8.12
N ARG F 17 0.11 -17.53 7.55
CA ARG F 17 -1.34 -17.46 7.53
C ARG F 17 -2.08 -18.52 6.70
N LYS F 18 -1.68 -18.68 5.44
CA LYS F 18 -2.33 -19.61 4.54
C LYS F 18 -2.15 -21.07 4.93
N GLU F 19 -0.96 -21.38 5.43
CA GLU F 19 -0.60 -22.73 5.82
C GLU F 19 -1.09 -23.05 7.25
N LYS F 20 -1.58 -22.03 7.95
CA LYS F 20 -2.09 -22.15 9.31
C LYS F 20 -1.01 -22.64 10.27
N ILE F 21 0.22 -22.27 9.99
CA ILE F 21 1.35 -22.63 10.81
C ILE F 21 1.39 -21.91 12.15
N LEU F 22 1.65 -22.67 13.20
CA LEU F 22 1.83 -22.13 14.52
C LEU F 22 3.20 -21.46 14.66
N ALA F 23 3.25 -20.31 15.32
CA ALA F 23 4.52 -19.62 15.52
C ALA F 23 4.59 -18.97 16.89
N THR F 24 5.79 -18.92 17.46
CA THR F 24 5.98 -18.15 18.67
C THR F 24 6.46 -16.79 18.22
N VAL F 25 5.79 -15.77 18.73
CA VAL F 25 6.11 -14.41 18.37
C VAL F 25 6.74 -13.71 19.55
N PHE F 26 8.02 -13.41 19.43
CA PHE F 26 8.74 -12.76 20.48
C PHE F 26 8.67 -11.26 20.35
N LEU F 27 8.28 -10.62 21.44
CA LEU F 27 8.19 -9.18 21.46
C LEU F 27 9.49 -8.63 22.01
N THR F 28 9.76 -7.36 21.74
CA THR F 28 10.98 -6.71 22.19
C THR F 28 11.04 -6.55 23.70
N ASN F 29 9.88 -6.50 24.35
CA ASN F 29 9.83 -6.39 25.80
C ASN F 29 10.10 -7.71 26.53
N GLY F 30 10.25 -8.79 25.77
CA GLY F 30 10.49 -10.12 26.30
C GLY F 30 9.28 -11.01 26.43
N PHE F 31 8.09 -10.47 26.20
CA PHE F 31 6.91 -11.31 26.21
C PHE F 31 6.86 -12.09 24.91
N GLN F 32 6.14 -13.20 24.93
CA GLN F 32 6.07 -13.99 23.73
C GLN F 32 4.67 -14.58 23.56
N LEU F 33 4.26 -14.74 22.31
CA LEU F 33 2.92 -15.22 22.01
C LEU F 33 2.98 -16.39 21.08
N ARG F 34 2.17 -17.41 21.35
CA ARG F 34 2.16 -18.56 20.46
C ARG F 34 0.78 -18.74 19.88
N GLY F 35 0.72 -18.61 18.57
CA GLY F 35 -0.55 -18.53 17.89
C GLY F 35 -0.41 -18.70 16.40
N ARG F 36 -1.50 -18.39 15.72
CA ARG F 36 -1.56 -18.45 14.28
C ARG F 36 -1.88 -17.09 13.69
N VAL F 37 -1.33 -16.80 12.52
CA VAL F 37 -1.60 -15.54 11.82
C VAL F 37 -2.94 -15.52 11.12
N VAL F 38 -3.77 -14.55 11.44
CA VAL F 38 -5.07 -14.37 10.82
C VAL F 38 -5.08 -13.34 9.69
N SER F 39 -4.39 -12.23 9.91
CA SER F 39 -4.28 -11.15 8.93
C SER F 39 -3.09 -10.27 9.26
N PHE F 40 -2.68 -9.44 8.32
CA PHE F 40 -1.75 -8.39 8.66
C PHE F 40 -1.82 -7.22 7.69
N ASP F 41 -1.41 -6.06 8.16
CA ASP F 41 -1.03 -5.00 7.26
C ASP F 41 0.41 -4.64 7.52
N ASN F 42 0.80 -3.42 7.19
CA ASN F 42 2.19 -3.00 7.32
C ASN F 42 2.69 -2.84 8.75
N TRP F 43 1.82 -2.53 9.68
CA TRP F 43 2.26 -2.25 11.04
C TRP F 43 1.76 -3.21 12.09
N THR F 44 0.76 -4.01 11.75
CA THR F 44 0.14 -4.88 12.73
C THR F 44 -0.03 -6.28 12.20
N VAL F 45 -0.17 -7.22 13.13
CA VAL F 45 -0.52 -8.60 12.82
C VAL F 45 -1.68 -9.03 13.70
N LEU F 46 -2.62 -9.75 13.13
CA LEU F 46 -3.68 -10.34 13.91
C LEU F 46 -3.41 -11.80 14.20
N LEU F 47 -3.31 -12.10 15.49
CA LEU F 47 -3.02 -13.43 15.96
C LEU F 47 -4.19 -14.08 16.65
N ASP F 48 -4.23 -15.38 16.49
CA ASP F 48 -5.16 -16.22 17.21
C ASP F 48 -4.41 -17.01 18.26
N VAL F 49 -4.69 -16.72 19.52
CA VAL F 49 -4.02 -17.40 20.60
C VAL F 49 -5.03 -18.11 21.49
N GLU F 50 -5.18 -19.41 21.26
CA GLU F 50 -6.13 -20.24 21.98
C GLU F 50 -7.57 -19.81 21.76
N GLY F 51 -7.83 -19.34 20.55
CA GLY F 51 -9.14 -18.92 20.12
C GLY F 51 -9.47 -17.47 20.37
N LYS F 52 -8.54 -16.74 20.95
CA LYS F 52 -8.75 -15.33 21.20
C LYS F 52 -7.79 -14.48 20.38
N GLN F 53 -8.22 -13.26 20.07
CA GLN F 53 -7.56 -12.41 19.11
C GLN F 53 -6.60 -11.45 19.76
N GLN F 54 -5.41 -11.34 19.20
CA GLN F 54 -4.41 -10.45 19.72
C GLN F 54 -3.90 -9.60 18.58
N LEU F 55 -4.06 -8.28 18.66
CA LEU F 55 -3.52 -7.39 17.65
C LEU F 55 -2.19 -6.80 18.09
N VAL F 56 -1.13 -7.29 17.48
CA VAL F 56 0.22 -6.87 17.81
C VAL F 56 0.79 -5.95 16.77
N PHE F 57 1.33 -4.83 17.22
CA PHE F 57 2.06 -3.91 16.37
C PHE F 57 3.45 -4.44 16.02
N LYS F 58 3.84 -4.33 14.76
CA LYS F 58 5.13 -4.84 14.31
C LYS F 58 6.33 -4.19 14.95
N HIS F 59 6.18 -2.97 15.44
CA HIS F 59 7.29 -2.28 16.09
C HIS F 59 7.60 -2.88 17.44
N ALA F 60 6.68 -3.69 17.92
CA ALA F 60 6.82 -4.35 19.21
C ALA F 60 7.37 -5.77 19.07
N ILE F 61 7.45 -6.24 17.83
CA ILE F 61 7.91 -7.58 17.55
C ILE F 61 9.39 -7.64 17.24
N SER F 62 10.06 -8.62 17.83
CA SER F 62 11.46 -8.88 17.54
C SER F 62 11.58 -10.02 16.53
N THR F 63 10.90 -11.12 16.79
CA THR F 63 11.12 -12.34 16.04
C THR F 63 9.86 -13.17 15.82
N PHE F 64 9.81 -13.81 14.66
CA PHE F 64 8.88 -14.87 14.37
C PHE F 64 9.64 -16.18 14.37
N SER F 65 9.13 -17.14 15.11
CA SER F 65 9.72 -18.47 15.09
C SER F 65 8.63 -19.47 14.74
N PRO F 66 8.62 -19.99 13.51
CA PRO F 66 7.56 -20.91 13.15
C PRO F 66 7.80 -22.31 13.67
N GLN F 67 6.73 -23.05 13.92
CA GLN F 67 6.80 -24.40 14.43
C GLN F 67 7.45 -25.32 13.41
N LYS F 68 7.07 -25.10 12.17
CA LYS F 68 7.60 -25.79 11.03
C LYS F 68 8.05 -24.76 10.03
N ASN F 69 9.09 -25.06 9.26
CA ASN F 69 9.58 -24.10 8.28
C ASN F 69 8.64 -23.77 7.14
N VAL F 70 8.80 -22.54 6.66
CA VAL F 70 8.01 -22.00 5.57
C VAL F 70 8.70 -22.22 4.23
N ALA F 71 7.90 -22.57 3.24
CA ALA F 71 8.36 -22.82 1.89
C ALA F 71 8.68 -21.50 1.23
N LEU F 72 9.83 -21.41 0.57
CA LEU F 72 10.17 -20.15 -0.04
C LEU F 72 9.66 -19.96 -1.44
N ASN F 73 9.81 -18.72 -1.87
CA ASN F 73 9.26 -18.19 -3.08
C ASN F 73 10.07 -18.36 -4.34
N PRO F 74 9.40 -18.76 -5.43
CA PRO F 74 10.03 -18.74 -6.75
C PRO F 74 9.78 -17.39 -7.40
N ASP F 75 10.79 -16.54 -7.47
CA ASP F 75 10.63 -15.27 -8.15
C ASP F 75 11.56 -15.18 -9.37
#